data_5KPZ
#
_entry.id   5KPZ
#
_cell.length_a   99.488
_cell.length_b   99.488
_cell.length_c   68.542
_cell.angle_alpha   90.00
_cell.angle_beta   90.00
_cell.angle_gamma   120.00
#
_symmetry.space_group_name_H-M   'P 31 2 1'
#
loop_
_entity.id
_entity.type
_entity.pdbx_description
1 polymer 'Pantothenate kinase 3'
2 non-polymer N-[(2R)-2-hydroxy-3,3-dimethyl-4-(phosphonooxy)butanoyl]-beta-alanine
3 non-polymer "ADENOSINE-5'-DIPHOSPHATE"
4 non-polymer 'MAGNESIUM ION'
5 water water
#
_entity_poly.entity_id   1
_entity_poly.type   'polypeptide(L)'
_entity_poly.pdbx_seq_one_letter_code
;MGSSHHHHHHSSGLVPRGSPWFGMDIGGTLVKLSYFEPIDITAEEEQEEVESLKSIRKYLTSNVAYGSTGIRDVHLELKD
LTLFGRRGNLHFIRFPTQDLPTFIQMGRDKNFSTLQTVLCATGGGAYKFEKDFRTIGNLHLHKLDELDCLVKGLLYIDSV
SFNGQAECYYFANASEPERCQKMPFNLDDPYPLLVVNIGSGVSILAVHSKDNYKRVTGTSLGGGTFLGLCSLLTGCESFE
EALEMASKGDSTQADKLVRDIYGGDYERFGLPGWAVASSFGNMIYKEKRESVSKEDLARATLVTITNNIGSVARMCAVNE
KINRVVFVGNFLRVNTLSMKLLAYALDYWSKGQLKALFLEHEGYFGAVGALLGLPNFSDD
;
_entity_poly.pdbx_strand_id   A
#
# COMPACT_ATOMS: atom_id res chain seq x y z
N SER A 19 3.68 16.55 23.78
CA SER A 19 3.27 15.22 23.28
C SER A 19 3.35 15.18 21.76
N PRO A 20 4.26 14.36 21.22
CA PRO A 20 4.35 14.22 19.76
C PRO A 20 3.06 13.68 19.18
N TRP A 21 2.77 14.09 17.95
CA TRP A 21 1.55 13.70 17.23
C TRP A 21 1.93 12.61 16.22
N PHE A 22 1.56 11.36 16.54
CA PHE A 22 1.81 10.19 15.72
C PHE A 22 0.50 9.49 15.34
N GLY A 23 0.48 8.90 14.18
CA GLY A 23 -0.53 7.90 13.85
C GLY A 23 0.21 6.68 13.36
N MET A 24 -0.23 5.50 13.82
CA MET A 24 0.50 4.28 13.54
C MET A 24 -0.43 3.20 13.02
N ASP A 25 -0.09 2.64 11.86
CA ASP A 25 -0.79 1.49 11.29
C ASP A 25 0.16 0.32 11.35
N ILE A 26 -0.13 -0.64 12.23
CA ILE A 26 0.73 -1.80 12.46
C ILE A 26 0.16 -2.98 11.66
N GLY A 27 0.76 -3.27 10.51
CA GLY A 27 0.29 -4.32 9.66
C GLY A 27 0.90 -5.68 9.98
N GLY A 28 0.53 -6.65 9.14
CA GLY A 28 1.14 -7.97 9.24
C GLY A 28 2.59 -7.99 8.87
N THR A 29 3.01 -7.06 8.00
CA THR A 29 4.37 -7.02 7.50
C THR A 29 5.10 -5.75 7.88
N LEU A 30 4.47 -4.58 7.67
CA LEU A 30 5.11 -3.29 7.88
C LEU A 30 4.35 -2.47 8.92
N VAL A 31 5.09 -1.76 9.75
CA VAL A 31 4.55 -0.67 10.55
C VAL A 31 4.66 0.62 9.75
N LYS A 32 3.55 1.33 9.62
CA LYS A 32 3.55 2.63 8.98
C LYS A 32 3.29 3.69 10.03
N LEU A 33 4.04 4.78 9.97
CA LEU A 33 4.00 5.83 10.98
C LEU A 33 3.85 7.17 10.29
N SER A 34 2.81 7.92 10.63
CA SER A 34 2.72 9.31 10.21
C SER A 34 3.05 10.20 11.40
N TYR A 35 3.81 11.23 11.14
CA TYR A 35 4.29 12.13 12.18
C TYR A 35 4.12 13.57 11.71
N PHE A 36 3.44 14.38 12.51
CA PHE A 36 3.21 15.77 12.21
C PHE A 36 4.23 16.61 12.96
N GLU A 37 5.14 17.25 12.21
CA GLU A 37 6.17 18.09 12.82
C GLU A 37 5.68 19.54 12.84
N PRO A 38 5.45 20.14 14.00
CA PRO A 38 5.03 21.55 14.01
C PRO A 38 6.16 22.46 13.56
N ILE A 39 5.81 23.42 12.72
CA ILE A 39 6.78 24.38 12.22
C ILE A 39 6.49 25.80 12.67
N ASP A 40 5.39 26.02 13.38
CA ASP A 40 5.02 27.33 13.92
C ASP A 40 5.35 27.43 15.41
N ILE A 41 6.53 26.96 15.80
CA ILE A 41 6.87 26.86 17.22
C ILE A 41 7.33 28.23 17.69
N THR A 42 6.52 28.84 18.56
CA THR A 42 6.81 30.17 19.07
C THR A 42 8.04 30.17 19.97
N ALA A 43 8.58 31.36 20.23
CA ALA A 43 9.78 31.50 21.04
C ALA A 43 9.56 31.00 22.46
N GLU A 44 8.37 31.24 23.02
CA GLU A 44 8.07 30.73 24.36
C GLU A 44 7.98 29.20 24.35
N GLU A 45 7.21 28.63 23.42
CA GLU A 45 7.04 27.17 23.37
C GLU A 45 8.37 26.46 23.13
N GLU A 46 9.22 27.04 22.28
CA GLU A 46 10.53 26.45 22.02
C GLU A 46 11.38 26.42 23.27
N GLN A 47 11.41 27.52 24.02
CA GLN A 47 12.19 27.57 25.26
C GLN A 47 11.63 26.61 26.31
N GLU A 48 10.30 26.51 26.40
CA GLU A 48 9.66 25.65 27.38
C GLU A 48 9.41 24.24 26.88
N GLU A 49 10.08 23.81 25.82
CA GLU A 49 9.90 22.45 25.33
C GLU A 49 10.68 21.49 26.21
N VAL A 50 10.05 20.35 26.52
CA VAL A 50 10.73 19.31 27.29
C VAL A 50 11.88 18.76 26.48
N GLU A 51 13.03 18.57 27.14
CA GLU A 51 14.24 18.14 26.44
C GLU A 51 14.02 16.83 25.68
N SER A 52 13.30 15.88 26.27
CA SER A 52 13.06 14.61 25.60
C SER A 52 12.11 14.76 24.41
N LEU A 53 11.15 15.69 24.50
CA LEU A 53 10.28 15.95 23.35
C LEU A 53 11.02 16.69 22.25
N LYS A 54 11.89 17.62 22.62
CA LYS A 54 12.74 18.29 21.65
C LYS A 54 13.71 17.30 21.00
N SER A 55 14.10 16.26 21.76
CA SER A 55 15.05 15.28 21.27
C SER A 55 14.43 14.33 20.25
N ILE A 56 13.15 14.01 20.42
CA ILE A 56 12.46 13.17 19.43
C ILE A 56 12.32 13.92 18.12
N ARG A 57 11.92 15.19 18.17
CA ARG A 57 11.76 15.97 16.95
C ARG A 57 13.05 16.06 16.16
N LYS A 58 14.18 16.26 16.83
CA LYS A 58 15.46 16.35 16.13
C LYS A 58 15.87 15.01 15.54
N TYR A 59 15.62 13.91 16.26
CA TYR A 59 15.99 12.60 15.75
C TYR A 59 15.20 12.28 14.49
N LEU A 60 13.90 12.57 14.50
CA LEU A 60 13.04 12.15 13.40
C LEU A 60 13.27 12.98 12.13
N THR A 61 13.62 14.25 12.27
CA THR A 61 13.78 15.12 11.12
C THR A 61 15.23 15.27 10.68
N SER A 62 16.20 14.81 11.47
CA SER A 62 17.60 14.86 11.08
C SER A 62 18.12 13.53 10.56
N ASN A 63 17.28 12.50 10.54
CA ASN A 63 17.66 11.19 10.02
C ASN A 63 16.62 10.73 9.02
N VAL A 64 17.08 10.06 7.97
CA VAL A 64 16.17 9.40 7.03
C VAL A 64 16.19 7.88 7.20
N ALA A 65 17.18 7.32 7.85
CA ALA A 65 17.18 5.90 8.21
C ALA A 65 17.25 5.83 9.72
N TYR A 66 16.45 4.94 10.31
CA TYR A 66 16.33 4.85 11.76
C TYR A 66 16.68 3.42 12.15
N GLY A 67 17.75 3.27 12.92
CA GLY A 67 18.24 1.93 13.15
C GLY A 67 18.63 1.31 11.83
N SER A 68 18.50 0.00 11.75
CA SER A 68 18.86 -0.71 10.53
C SER A 68 17.69 -0.96 9.59
N THR A 69 16.45 -0.67 10.00
CA THR A 69 15.30 -1.02 9.18
C THR A 69 14.26 0.08 9.01
N GLY A 70 14.34 1.19 9.74
CA GLY A 70 13.39 2.27 9.57
C GLY A 70 13.80 3.18 8.43
N ILE A 71 12.83 3.56 7.63
CA ILE A 71 13.05 4.46 6.49
C ILE A 71 11.99 5.55 6.54
N ARG A 72 12.41 6.78 6.30
CA ARG A 72 11.48 7.88 6.09
C ARG A 72 11.39 8.15 4.59
N ASP A 73 10.17 8.05 4.06
CA ASP A 73 9.91 8.35 2.65
C ASP A 73 9.86 9.87 2.47
N VAL A 74 11.05 10.46 2.32
CA VAL A 74 11.15 11.91 2.26
C VAL A 74 10.29 12.48 1.12
N HIS A 75 10.22 11.76 -0.01
CA HIS A 75 9.51 12.30 -1.16
C HIS A 75 8.01 12.44 -0.93
N LEU A 76 7.44 11.76 0.07
CA LEU A 76 6.00 11.82 0.30
C LEU A 76 5.57 12.93 1.26
N GLU A 77 6.52 13.68 1.81
CA GLU A 77 6.22 14.64 2.87
C GLU A 77 5.19 15.68 2.42
N LEU A 78 4.23 15.97 3.28
CA LEU A 78 3.31 17.09 3.08
C LEU A 78 3.81 18.29 3.88
N LYS A 79 4.29 19.31 3.18
CA LYS A 79 4.88 20.49 3.80
C LYS A 79 3.82 21.54 4.05
N ASP A 80 3.95 22.25 5.17
CA ASP A 80 3.11 23.41 5.49
C ASP A 80 1.63 23.05 5.45
N LEU A 81 1.30 21.95 6.10
CA LEU A 81 -0.08 21.52 6.30
C LEU A 81 -0.65 22.16 7.56
N THR A 82 -1.93 22.51 7.52
CA THR A 82 -2.63 22.93 8.72
C THR A 82 -3.45 21.76 9.26
N LEU A 83 -3.22 21.44 10.52
CA LEU A 83 -3.81 20.26 11.12
C LEU A 83 -3.97 20.54 12.59
N PHE A 84 -5.16 20.31 13.12
CA PHE A 84 -5.47 20.63 14.51
C PHE A 84 -5.14 22.09 14.82
N GLY A 85 -5.26 22.94 13.81
CA GLY A 85 -4.96 24.35 13.99
C GLY A 85 -3.50 24.68 14.17
N ARG A 86 -2.59 23.86 13.65
CA ARG A 86 -1.19 24.21 13.66
C ARG A 86 -0.58 23.93 12.30
N ARG A 87 0.28 24.85 11.83
CA ARG A 87 1.03 24.62 10.62
C ARG A 87 2.20 23.68 10.91
N GLY A 88 2.39 22.72 10.02
CA GLY A 88 3.47 21.78 10.20
C GLY A 88 3.64 20.91 8.97
N ASN A 89 4.55 19.94 9.08
CA ASN A 89 4.84 19.02 8.00
C ASN A 89 4.43 17.62 8.40
N LEU A 90 3.91 16.87 7.43
CA LEU A 90 3.50 15.51 7.64
C LEU A 90 4.56 14.57 7.10
N HIS A 91 5.18 13.80 7.98
CA HIS A 91 6.20 12.84 7.62
C HIS A 91 5.67 11.42 7.59
N PHE A 92 6.30 10.59 6.76
CA PHE A 92 5.85 9.21 6.53
C PHE A 92 7.01 8.25 6.72
N ILE A 93 6.84 7.30 7.64
CA ILE A 93 7.93 6.44 8.10
C ILE A 93 7.44 5.00 8.11
N ARG A 94 8.36 4.06 7.85
CA ARG A 94 7.98 2.66 7.81
C ARG A 94 9.12 1.79 8.30
N PHE A 95 8.77 0.68 8.96
CA PHE A 95 9.72 -0.34 9.35
C PHE A 95 8.99 -1.66 9.48
N PRO A 96 9.71 -2.78 9.46
CA PRO A 96 9.02 -4.09 9.50
C PRO A 96 8.42 -4.32 10.87
N THR A 97 7.24 -4.96 10.86
CA THR A 97 6.55 -5.24 12.12
C THR A 97 7.42 -6.09 13.03
N GLN A 98 8.21 -6.98 12.44
CA GLN A 98 9.22 -7.78 13.14
C GLN A 98 10.14 -6.93 14.04
N ASP A 99 10.32 -5.65 13.75
CA ASP A 99 11.21 -4.84 14.56
C ASP A 99 10.49 -3.91 15.52
N LEU A 100 9.15 -3.99 15.58
CA LEU A 100 8.41 -3.21 16.55
C LEU A 100 8.95 -3.36 17.98
N PRO A 101 9.32 -4.56 18.46
CA PRO A 101 9.92 -4.64 19.81
C PRO A 101 11.14 -3.77 19.99
N THR A 102 12.00 -3.64 18.96
CA THR A 102 13.13 -2.71 19.07
C THR A 102 12.62 -1.28 19.20
N PHE A 103 11.64 -0.90 18.38
CA PHE A 103 11.06 0.44 18.47
C PHE A 103 10.50 0.70 19.86
N ILE A 104 9.94 -0.32 20.49
CA ILE A 104 9.31 -0.14 21.79
C ILE A 104 10.35 -0.05 22.89
N GLN A 105 11.38 -0.91 22.84
CA GLN A 105 12.44 -0.86 23.85
C GLN A 105 13.14 0.49 23.85
N MET A 106 13.32 1.09 22.66
CA MET A 106 13.87 2.43 22.60
C MET A 106 12.85 3.47 23.05
N GLY A 107 11.56 3.20 22.88
CA GLY A 107 10.55 4.07 23.44
C GLY A 107 10.61 4.14 24.95
N ARG A 108 11.01 3.06 25.61
CA ARG A 108 11.17 3.06 27.06
C ARG A 108 12.51 3.66 27.50
N ASP A 109 13.31 4.19 26.57
CA ASP A 109 14.56 4.86 26.94
C ASP A 109 14.32 5.87 28.04
N LYS A 110 15.16 5.81 29.08
CA LYS A 110 14.95 6.60 30.30
C LYS A 110 14.68 8.07 30.01
N ASN A 111 15.15 8.58 28.86
CA ASN A 111 14.99 10.00 28.54
C ASN A 111 13.52 10.41 28.52
N PHE A 112 12.64 9.55 28.03
CA PHE A 112 11.28 9.94 27.72
C PHE A 112 10.29 9.59 28.83
N THR A 117 1.58 11.75 26.31
CA THR A 117 2.00 11.20 25.02
C THR A 117 0.99 10.13 24.53
N VAL A 118 0.24 10.47 23.49
CA VAL A 118 -0.93 9.70 23.09
C VAL A 118 -0.70 9.11 21.71
N LEU A 119 -0.91 7.79 21.59
CA LEU A 119 -0.65 7.07 20.36
C LEU A 119 -1.96 6.48 19.83
N CYS A 120 -2.39 6.96 18.68
CA CYS A 120 -3.53 6.37 17.99
C CYS A 120 -3.00 5.33 17.02
N ALA A 121 -3.50 4.11 17.14
CA ALA A 121 -2.95 2.96 16.45
C ALA A 121 -4.07 2.16 15.80
N THR A 122 -3.80 1.64 14.62
CA THR A 122 -4.74 0.83 13.90
C THR A 122 -3.97 -0.33 13.28
N GLY A 123 -4.66 -1.16 12.51
CA GLY A 123 -4.08 -2.39 12.02
C GLY A 123 -4.16 -3.51 13.04
N GLY A 124 -4.08 -4.75 12.54
CA GLY A 124 -4.13 -5.92 13.42
C GLY A 124 -3.18 -5.83 14.59
N GLY A 125 -2.04 -5.16 14.41
CA GLY A 125 -1.04 -5.10 15.47
C GLY A 125 -1.35 -4.15 16.60
N ALA A 126 -2.28 -3.21 16.40
CA ALA A 126 -2.75 -2.44 17.54
C ALA A 126 -3.35 -3.35 18.58
N TYR A 127 -3.98 -4.44 18.15
CA TYR A 127 -4.49 -5.43 19.09
C TYR A 127 -3.38 -6.37 19.54
N LYS A 128 -2.62 -6.93 18.59
CA LYS A 128 -1.63 -7.94 18.94
C LYS A 128 -0.63 -7.41 19.95
N PHE A 129 -0.14 -6.18 19.74
CA PHE A 129 0.92 -5.61 20.57
C PHE A 129 0.40 -4.59 21.57
N GLU A 130 -0.89 -4.63 21.89
CA GLU A 130 -1.44 -3.67 22.83
C GLU A 130 -0.72 -3.70 24.18
N LYS A 131 -0.50 -4.91 24.71
CA LYS A 131 0.13 -5.03 26.02
C LYS A 131 1.57 -4.55 25.99
N ASP A 132 2.23 -4.61 24.84
CA ASP A 132 3.62 -4.16 24.74
C ASP A 132 3.70 -2.63 24.80
N PHE A 133 2.82 -1.95 24.07
CA PHE A 133 2.81 -0.49 24.11
C PHE A 133 2.64 0.02 25.54
N ARG A 134 1.85 -0.68 26.35
CA ARG A 134 1.63 -0.19 27.71
C ARG A 134 2.82 -0.42 28.64
N THR A 135 3.90 -1.05 28.18
CA THR A 135 5.13 -1.02 28.95
C THR A 135 5.77 0.36 28.96
N ILE A 136 5.36 1.23 28.04
CA ILE A 136 5.79 2.63 28.06
C ILE A 136 4.88 3.40 29.04
N GLY A 137 5.41 3.74 30.20
CA GLY A 137 4.57 4.22 31.28
C GLY A 137 3.77 5.46 30.92
N ASN A 138 4.41 6.43 30.26
CA ASN A 138 3.75 7.69 29.93
C ASN A 138 3.14 7.64 28.53
N LEU A 139 2.23 6.69 28.34
CA LEU A 139 1.64 6.43 27.03
C LEU A 139 0.22 5.88 27.18
N HIS A 140 -0.72 6.55 26.53
CA HIS A 140 -2.10 6.09 26.43
C HIS A 140 -2.33 5.61 24.99
N LEU A 141 -2.71 4.35 24.84
CA LEU A 141 -2.93 3.75 23.53
C LEU A 141 -4.42 3.72 23.22
N HIS A 142 -4.81 4.41 22.16
CA HIS A 142 -6.18 4.32 21.66
C HIS A 142 -6.14 3.56 20.34
N LYS A 143 -6.91 2.48 20.26
CA LYS A 143 -7.01 1.69 19.05
C LYS A 143 -8.17 2.19 18.19
N LEU A 144 -7.98 2.12 16.88
CA LEU A 144 -8.97 2.57 15.91
C LEU A 144 -9.14 1.50 14.84
N ASP A 145 -10.34 1.43 14.26
CA ASP A 145 -10.60 0.37 13.27
C ASP A 145 -9.81 0.62 11.98
N GLU A 146 -9.27 -0.46 11.43
CA GLU A 146 -8.41 -0.40 10.25
C GLU A 146 -9.14 0.23 9.05
N LEU A 147 -10.36 -0.22 8.78
CA LEU A 147 -11.08 0.28 7.61
C LEU A 147 -11.48 1.74 7.79
N ASP A 148 -11.93 2.08 8.98
CA ASP A 148 -12.26 3.47 9.32
C ASP A 148 -11.08 4.41 9.06
N CYS A 149 -9.88 4.02 9.50
CA CYS A 149 -8.70 4.86 9.34
C CYS A 149 -8.29 4.96 7.89
N LEU A 150 -8.40 3.86 7.13
CA LEU A 150 -8.04 3.86 5.72
C LEU A 150 -8.90 4.85 4.95
N VAL A 151 -10.21 4.79 5.14
CA VAL A 151 -11.11 5.68 4.40
C VAL A 151 -10.85 7.14 4.78
N LYS A 152 -10.85 7.44 6.08
CA LYS A 152 -10.57 8.81 6.53
C LYS A 152 -9.22 9.29 6.00
N GLY A 153 -8.20 8.44 6.06
CA GLY A 153 -6.89 8.87 5.60
C GLY A 153 -6.87 9.18 4.12
N LEU A 154 -7.44 8.29 3.31
CA LEU A 154 -7.51 8.49 1.86
C LEU A 154 -8.23 9.79 1.52
N LEU A 155 -9.46 9.94 2.01
CA LEU A 155 -10.23 11.14 1.70
C LEU A 155 -9.57 12.41 2.23
N TYR A 156 -8.75 12.32 3.27
CA TYR A 156 -8.07 13.51 3.79
C TYR A 156 -6.88 13.88 2.92
N ILE A 157 -6.01 12.92 2.63
CA ILE A 157 -4.83 13.20 1.83
C ILE A 157 -5.25 13.74 0.47
N ASP A 158 -6.27 13.13 -0.14
CA ASP A 158 -6.70 13.58 -1.45
C ASP A 158 -7.31 14.97 -1.40
N SER A 159 -7.88 15.36 -0.25
CA SER A 159 -8.51 16.66 -0.14
C SER A 159 -7.52 17.77 0.14
N VAL A 160 -6.37 17.48 0.76
CA VAL A 160 -5.33 18.50 0.90
C VAL A 160 -4.33 18.47 -0.24
N SER A 161 -4.43 17.50 -1.14
CA SER A 161 -3.56 17.36 -2.30
C SER A 161 -2.14 17.01 -1.88
N PHE A 162 -1.31 16.65 -2.88
CA PHE A 162 0.09 16.31 -2.67
C PHE A 162 0.92 17.55 -3.02
N ASN A 163 1.03 18.44 -2.04
CA ASN A 163 1.73 19.72 -2.21
C ASN A 163 1.29 20.41 -3.50
N GLY A 164 -0.02 20.44 -3.72
CA GLY A 164 -0.61 21.07 -4.89
C GLY A 164 -0.79 20.17 -6.09
N GLN A 165 -0.10 19.02 -6.13
CA GLN A 165 -0.32 18.02 -7.18
C GLN A 165 -1.39 17.02 -6.78
N ALA A 166 -1.94 16.35 -7.78
CA ALA A 166 -2.98 15.37 -7.54
C ALA A 166 -2.43 14.20 -6.74
N GLU A 167 -3.16 13.81 -5.70
CA GLU A 167 -2.80 12.59 -4.98
C GLU A 167 -3.12 11.35 -5.80
N CYS A 168 -4.12 11.44 -6.67
CA CYS A 168 -4.66 10.29 -7.38
C CYS A 168 -4.29 10.37 -8.86
N TYR A 169 -3.74 9.27 -9.39
CA TYR A 169 -3.40 9.19 -10.80
C TYR A 169 -3.89 7.87 -11.41
N TYR A 170 -3.81 7.81 -12.73
CA TYR A 170 -4.19 6.62 -13.49
C TYR A 170 -3.32 6.55 -14.73
N PHE A 171 -3.44 5.44 -15.45
CA PHE A 171 -2.68 5.22 -16.67
C PHE A 171 -3.61 5.40 -17.86
N ALA A 172 -3.52 6.56 -18.49
CA ALA A 172 -4.23 6.80 -19.73
C ALA A 172 -3.78 5.80 -20.79
N ASN A 173 -4.72 5.41 -21.65
CA ASN A 173 -4.49 4.45 -22.72
C ASN A 173 -3.67 3.27 -22.21
N ALA A 174 -4.19 2.66 -21.14
CA ALA A 174 -3.49 1.55 -20.49
C ALA A 174 -3.41 0.31 -21.38
N SER A 175 -4.17 0.26 -22.47
CA SER A 175 -4.12 -0.87 -23.38
C SER A 175 -3.14 -0.67 -24.53
N GLU A 176 -2.66 0.55 -24.76
CA GLU A 176 -1.71 0.85 -25.85
C GLU A 176 -0.34 1.15 -25.26
N PRO A 177 0.71 0.37 -25.59
CA PRO A 177 1.99 0.52 -24.89
C PRO A 177 2.73 1.81 -25.21
N GLU A 178 2.79 2.18 -26.49
CA GLU A 178 3.48 3.40 -26.90
C GLU A 178 2.73 4.66 -26.48
N ARG A 179 1.50 4.53 -25.98
CA ARG A 179 0.75 5.68 -25.50
C ARG A 179 0.58 5.70 -23.99
N CYS A 180 0.78 4.57 -23.30
CA CYS A 180 0.51 4.43 -21.88
C CYS A 180 1.39 5.36 -21.05
N GLN A 181 0.75 6.27 -20.29
CA GLN A 181 1.48 7.19 -19.43
C GLN A 181 0.65 7.53 -18.20
N LYS A 182 1.35 7.73 -17.08
CA LYS A 182 0.71 8.16 -15.84
C LYS A 182 0.21 9.60 -15.97
N MET A 183 -1.00 9.83 -15.46
CA MET A 183 -1.63 11.14 -15.57
C MET A 183 -2.55 11.35 -14.37
N PRO A 184 -2.72 12.60 -13.93
CA PRO A 184 -3.49 12.86 -12.71
C PRO A 184 -4.96 12.51 -12.88
N PHE A 185 -5.64 12.35 -11.75
CA PHE A 185 -7.05 12.00 -11.72
C PHE A 185 -7.72 12.72 -10.56
N ASN A 186 -8.94 13.18 -10.79
CA ASN A 186 -9.61 14.09 -9.88
C ASN A 186 -10.69 13.38 -9.09
N LEU A 187 -10.52 13.32 -7.77
CA LEU A 187 -11.50 12.76 -6.85
C LEU A 187 -12.29 13.84 -6.13
N ASP A 188 -12.70 14.91 -6.82
CA ASP A 188 -13.46 15.96 -6.13
C ASP A 188 -14.77 15.42 -5.59
N ASP A 189 -15.43 14.55 -6.34
CA ASP A 189 -16.48 13.70 -5.77
C ASP A 189 -16.02 12.27 -5.93
N PRO A 190 -15.66 11.59 -4.86
CA PRO A 190 -15.06 10.27 -4.99
C PRO A 190 -16.04 9.15 -4.71
N TYR A 191 -17.33 9.43 -4.80
CA TYR A 191 -18.32 8.41 -4.51
C TYR A 191 -19.16 8.05 -5.74
N PRO A 192 -19.45 6.76 -5.92
CA PRO A 192 -18.97 5.64 -5.09
C PRO A 192 -17.53 5.26 -5.40
N LEU A 193 -16.93 4.43 -4.54
CA LEU A 193 -15.52 4.11 -4.68
C LEU A 193 -15.27 2.69 -4.20
N LEU A 194 -14.54 1.91 -5.00
CA LEU A 194 -14.01 0.62 -4.58
C LEU A 194 -12.53 0.78 -4.23
N VAL A 195 -12.18 0.43 -3.00
CA VAL A 195 -10.82 0.55 -2.50
C VAL A 195 -10.28 -0.86 -2.32
N VAL A 196 -9.19 -1.17 -3.01
CA VAL A 196 -8.56 -2.48 -2.98
C VAL A 196 -7.23 -2.32 -2.26
N ASN A 197 -7.17 -2.76 -1.01
CA ASN A 197 -6.00 -2.62 -0.15
C ASN A 197 -5.13 -3.88 -0.26
N ILE A 198 -4.01 -3.77 -0.98
CA ILE A 198 -3.13 -4.91 -1.21
C ILE A 198 -1.96 -4.78 -0.24
N GLY A 199 -2.12 -5.38 0.94
CA GLY A 199 -1.04 -5.56 1.91
C GLY A 199 -0.53 -7.01 1.92
N SER A 200 -0.27 -7.56 3.12
CA SER A 200 -0.02 -9.00 3.24
C SER A 200 -1.11 -9.79 2.52
N GLY A 201 -2.37 -9.52 2.87
CA GLY A 201 -3.52 -9.98 2.16
C GLY A 201 -4.19 -8.85 1.42
N VAL A 202 -5.47 -9.06 1.08
CA VAL A 202 -6.21 -8.09 0.28
C VAL A 202 -7.57 -7.89 0.91
N SER A 203 -7.91 -6.64 1.23
CA SER A 203 -9.28 -6.27 1.61
C SER A 203 -9.86 -5.34 0.57
N ILE A 204 -11.14 -5.52 0.27
CA ILE A 204 -11.83 -4.70 -0.73
C ILE A 204 -12.96 -3.97 -0.03
N LEU A 205 -12.95 -2.64 -0.11
CA LEU A 205 -13.98 -1.80 0.47
C LEU A 205 -14.83 -1.16 -0.63
N ALA A 206 -16.13 -1.06 -0.37
CA ALA A 206 -17.02 -0.22 -1.15
C ALA A 206 -17.32 1.02 -0.32
N VAL A 207 -16.93 2.18 -0.81
CA VAL A 207 -17.20 3.44 -0.14
C VAL A 207 -18.29 4.14 -0.93
N HIS A 208 -19.50 4.22 -0.35
CA HIS A 208 -20.62 4.93 -0.97
C HIS A 208 -20.69 6.39 -0.55
N SER A 209 -20.23 6.69 0.66
CA SER A 209 -20.10 8.05 1.17
C SER A 209 -19.08 8.02 2.29
N LYS A 210 -18.78 9.21 2.83
CA LYS A 210 -17.83 9.30 3.94
C LYS A 210 -18.33 8.63 5.22
N ASP A 211 -19.62 8.31 5.30
CA ASP A 211 -20.18 7.60 6.44
C ASP A 211 -20.57 6.17 6.15
N ASN A 212 -20.79 5.82 4.88
CA ASN A 212 -21.33 4.53 4.50
C ASN A 212 -20.29 3.80 3.65
N TYR A 213 -19.53 2.92 4.30
CA TYR A 213 -18.59 2.05 3.61
C TYR A 213 -18.62 0.67 4.24
N LYS A 214 -18.30 -0.34 3.44
CA LYS A 214 -18.27 -1.70 3.94
C LYS A 214 -17.17 -2.49 3.23
N ARG A 215 -16.62 -3.47 3.95
CA ARG A 215 -15.77 -4.50 3.37
C ARG A 215 -16.65 -5.48 2.59
N VAL A 216 -16.44 -5.60 1.28
CA VAL A 216 -17.32 -6.47 0.49
C VAL A 216 -16.73 -7.85 0.26
N THR A 217 -15.42 -8.00 0.37
CA THR A 217 -14.76 -9.30 0.22
C THR A 217 -13.28 -9.09 0.46
N GLY A 218 -12.50 -10.13 0.25
CA GLY A 218 -11.06 -9.98 0.24
C GLY A 218 -10.47 -11.20 -0.41
N THR A 219 -9.16 -11.29 -0.35
CA THR A 219 -8.48 -12.50 -0.78
C THR A 219 -7.19 -12.61 0.00
N SER A 220 -6.84 -13.84 0.37
CA SER A 220 -5.56 -14.09 1.01
C SER A 220 -4.41 -14.14 0.02
N LEU A 221 -4.66 -13.95 -1.27
CA LEU A 221 -3.57 -13.98 -2.25
C LEU A 221 -3.11 -12.55 -2.47
N GLY A 222 -2.25 -12.09 -1.56
CA GLY A 222 -1.82 -10.69 -1.56
C GLY A 222 -0.33 -10.53 -1.68
N GLY A 223 0.19 -9.38 -1.24
CA GLY A 223 1.62 -9.12 -1.38
C GLY A 223 2.48 -10.10 -0.59
N GLY A 224 1.93 -10.66 0.49
CA GLY A 224 2.67 -11.67 1.22
C GLY A 224 2.83 -12.94 0.41
N THR A 225 1.81 -13.29 -0.38
CA THR A 225 1.84 -14.45 -1.26
C THR A 225 2.91 -14.29 -2.34
N PHE A 226 2.92 -13.15 -3.01
CA PHE A 226 4.01 -12.85 -3.95
C PHE A 226 5.36 -12.99 -3.27
N LEU A 227 5.54 -12.34 -2.12
CA LEU A 227 6.86 -12.33 -1.51
C LEU A 227 7.21 -13.70 -0.95
N GLY A 228 6.23 -14.37 -0.36
CA GLY A 228 6.49 -15.69 0.19
C GLY A 228 6.82 -16.71 -0.89
N LEU A 229 5.98 -16.77 -1.92
CA LEU A 229 6.21 -17.72 -3.00
C LEU A 229 7.50 -17.43 -3.72
N CYS A 230 7.76 -16.16 -3.97
CA CYS A 230 8.96 -15.78 -4.70
C CYS A 230 10.21 -16.09 -3.89
N SER A 231 10.15 -15.90 -2.56
CA SER A 231 11.30 -16.30 -1.76
C SER A 231 11.52 -17.80 -1.81
N LEU A 232 10.44 -18.59 -1.75
CA LEU A 232 10.57 -20.03 -1.91
C LEU A 232 11.15 -20.39 -3.28
N LEU A 233 10.61 -19.81 -4.35
CA LEU A 233 10.98 -20.25 -5.70
C LEU A 233 12.33 -19.73 -6.16
N THR A 234 12.74 -18.55 -5.72
CA THR A 234 13.94 -17.91 -6.27
C THR A 234 15.02 -17.60 -5.26
N GLY A 235 14.76 -17.74 -3.95
CA GLY A 235 15.74 -17.38 -2.96
C GLY A 235 15.97 -15.89 -2.78
N CYS A 236 15.13 -15.05 -3.38
CA CYS A 236 15.27 -13.60 -3.21
C CYS A 236 15.20 -13.22 -1.73
N GLU A 237 15.96 -12.21 -1.36
CA GLU A 237 16.04 -11.81 0.03
C GLU A 237 15.18 -10.59 0.38
N SER A 238 14.63 -9.90 -0.60
CA SER A 238 13.86 -8.70 -0.29
C SER A 238 12.80 -8.49 -1.35
N PHE A 239 11.80 -7.70 -0.97
CA PHE A 239 10.76 -7.28 -1.90
C PHE A 239 11.35 -6.63 -3.14
N GLU A 240 12.34 -5.74 -2.96
CA GLU A 240 12.94 -5.03 -4.09
C GLU A 240 13.72 -5.97 -4.99
N GLU A 241 14.53 -6.85 -4.39
CA GLU A 241 15.21 -7.88 -5.18
C GLU A 241 14.21 -8.73 -5.97
N ALA A 242 13.05 -9.03 -5.38
CA ALA A 242 12.04 -9.80 -6.11
C ALA A 242 11.51 -9.02 -7.30
N LEU A 243 11.21 -7.73 -7.11
CA LEU A 243 10.72 -6.89 -8.22
C LEU A 243 11.74 -6.82 -9.34
N GLU A 244 13.02 -6.73 -8.99
CA GLU A 244 14.04 -6.56 -10.02
C GLU A 244 14.34 -7.89 -10.73
N MET A 245 14.24 -9.02 -10.03
CA MET A 245 14.24 -10.31 -10.71
C MET A 245 13.06 -10.42 -11.66
N ALA A 246 11.86 -10.11 -11.18
CA ALA A 246 10.65 -10.17 -12.00
C ALA A 246 10.78 -9.33 -13.26
N SER A 247 11.43 -8.16 -13.16
CA SER A 247 11.55 -7.29 -14.32
C SER A 247 12.43 -7.88 -15.40
N LYS A 248 13.28 -8.85 -15.06
CA LYS A 248 14.15 -9.49 -16.03
C LYS A 248 13.56 -10.78 -16.59
N GLY A 249 12.44 -11.27 -16.04
CA GLY A 249 11.93 -12.57 -16.40
C GLY A 249 10.95 -12.54 -17.57
N ASP A 250 10.58 -13.74 -18.02
CA ASP A 250 9.54 -13.95 -19.03
C ASP A 250 8.54 -14.93 -18.42
N SER A 251 7.41 -14.43 -17.94
CA SER A 251 6.43 -15.27 -17.27
C SER A 251 5.82 -16.33 -18.18
N THR A 252 5.87 -16.16 -19.50
CA THR A 252 5.30 -17.20 -20.35
C THR A 252 6.11 -18.48 -20.33
N GLN A 253 7.30 -18.47 -19.74
CA GLN A 253 8.09 -19.70 -19.63
C GLN A 253 7.49 -20.64 -18.59
N ALA A 254 6.85 -20.09 -17.56
CA ALA A 254 6.21 -20.86 -16.52
C ALA A 254 4.72 -21.04 -16.74
N ASP A 255 4.08 -20.06 -17.40
CA ASP A 255 2.62 -20.04 -17.57
C ASP A 255 2.22 -20.73 -18.88
N LYS A 256 1.18 -21.55 -18.81
CA LYS A 256 0.62 -22.11 -20.02
C LYS A 256 -0.43 -21.13 -20.58
N LEU A 257 -0.31 -20.81 -21.87
CA LEU A 257 -1.13 -19.79 -22.48
C LEU A 257 -2.25 -20.44 -23.28
N VAL A 258 -3.25 -19.63 -23.61
CA VAL A 258 -4.36 -20.12 -24.41
C VAL A 258 -3.86 -20.79 -25.69
N ARG A 259 -2.83 -20.21 -26.32
CA ARG A 259 -2.34 -20.80 -27.56
C ARG A 259 -1.57 -22.10 -27.35
N ASP A 260 -1.08 -22.38 -26.14
CA ASP A 260 -0.47 -23.67 -25.89
C ASP A 260 -1.50 -24.78 -25.85
N ILE A 261 -2.77 -24.42 -25.69
CA ILE A 261 -3.86 -25.37 -25.58
C ILE A 261 -4.68 -25.42 -26.85
N TYR A 262 -4.95 -24.25 -27.44
CA TYR A 262 -5.76 -24.18 -28.64
C TYR A 262 -4.94 -24.17 -29.92
N GLY A 263 -3.63 -23.90 -29.81
CA GLY A 263 -2.82 -23.56 -30.96
C GLY A 263 -3.01 -22.14 -31.45
N GLY A 264 -3.87 -21.35 -30.81
CA GLY A 264 -4.16 -19.99 -31.21
C GLY A 264 -5.12 -19.33 -30.24
N ASP A 265 -6.15 -18.67 -30.74
CA ASP A 265 -7.12 -18.00 -29.88
C ASP A 265 -8.33 -18.91 -29.63
N TYR A 266 -8.98 -18.68 -28.48
CA TYR A 266 -10.32 -19.22 -28.20
C TYR A 266 -11.27 -18.06 -28.43
N GLU A 267 -11.62 -17.86 -29.71
CA GLU A 267 -12.35 -16.66 -30.10
C GLU A 267 -13.83 -16.73 -29.77
N ARG A 268 -14.41 -17.93 -29.65
CA ARG A 268 -15.82 -18.05 -29.29
C ARG A 268 -16.13 -17.38 -27.96
N PHE A 269 -15.15 -17.32 -27.04
CA PHE A 269 -15.31 -16.65 -25.75
C PHE A 269 -14.32 -15.50 -25.56
N GLY A 270 -13.75 -15.00 -26.65
CA GLY A 270 -12.89 -13.83 -26.58
C GLY A 270 -11.67 -13.96 -25.69
N LEU A 271 -11.02 -15.14 -25.71
CA LEU A 271 -9.75 -15.31 -25.03
C LEU A 271 -8.63 -15.29 -26.07
N PRO A 272 -7.77 -14.28 -26.09
CA PRO A 272 -6.69 -14.24 -27.08
C PRO A 272 -5.62 -15.27 -26.77
N GLY A 273 -4.87 -15.65 -27.81
CA GLY A 273 -3.89 -16.71 -27.69
C GLY A 273 -2.81 -16.42 -26.65
N TRP A 274 -2.55 -15.15 -26.39
CA TRP A 274 -1.52 -14.78 -25.42
C TRP A 274 -2.02 -14.71 -23.99
N ALA A 275 -3.32 -14.82 -23.74
CA ALA A 275 -3.78 -14.80 -22.36
C ALA A 275 -3.33 -16.07 -21.65
N VAL A 276 -3.17 -15.95 -20.34
CA VAL A 276 -2.77 -17.07 -19.51
C VAL A 276 -3.96 -18.02 -19.36
N ALA A 277 -3.79 -19.27 -19.77
CA ALA A 277 -4.83 -20.27 -19.52
C ALA A 277 -4.65 -20.91 -18.15
N SER A 278 -3.40 -21.20 -17.76
CA SER A 278 -3.10 -21.86 -16.49
C SER A 278 -1.81 -21.28 -15.92
N SER A 279 -1.92 -20.53 -14.82
CA SER A 279 -0.73 -19.94 -14.21
C SER A 279 0.21 -21.02 -13.68
N PHE A 280 1.50 -20.92 -14.00
CA PHE A 280 2.48 -21.95 -13.68
C PHE A 280 2.16 -23.29 -14.33
N GLY A 281 1.22 -23.30 -15.28
CA GLY A 281 0.79 -24.57 -15.86
C GLY A 281 1.87 -25.31 -16.63
N ASN A 282 2.87 -24.60 -17.16
CA ASN A 282 3.94 -25.29 -17.86
C ASN A 282 4.91 -25.96 -16.92
N MET A 283 4.82 -25.66 -15.62
CA MET A 283 5.73 -26.26 -14.65
C MET A 283 5.37 -27.72 -14.29
N ILE A 284 4.31 -28.28 -14.86
CA ILE A 284 4.04 -29.70 -14.68
C ILE A 284 4.94 -30.57 -15.52
N TYR A 285 5.74 -29.99 -16.40
CA TYR A 285 6.64 -30.73 -17.27
C TYR A 285 8.05 -30.60 -16.72
N LYS A 286 8.65 -31.74 -16.33
CA LYS A 286 10.01 -31.73 -15.80
C LYS A 286 10.96 -30.96 -16.71
N GLU A 287 10.81 -31.13 -18.02
CA GLU A 287 11.73 -30.49 -18.96
C GLU A 287 11.63 -28.98 -18.90
N LYS A 288 10.42 -28.45 -18.68
CA LYS A 288 10.25 -27.00 -18.62
C LYS A 288 10.69 -26.45 -17.27
N ARG A 289 10.41 -27.17 -16.17
CA ARG A 289 10.95 -26.76 -14.87
C ARG A 289 12.46 -26.66 -14.90
N GLU A 290 13.12 -27.48 -15.70
CA GLU A 290 14.58 -27.51 -15.72
C GLU A 290 15.18 -26.36 -16.53
N SER A 291 14.43 -25.76 -17.44
CA SER A 291 14.92 -24.68 -18.27
C SER A 291 14.43 -23.32 -17.82
N VAL A 292 13.53 -23.26 -16.84
CA VAL A 292 12.98 -22.00 -16.37
C VAL A 292 13.99 -21.32 -15.43
N SER A 293 14.08 -20.00 -15.52
CA SER A 293 14.99 -19.24 -14.67
C SER A 293 14.25 -18.62 -13.48
N LYS A 294 15.02 -18.34 -12.43
CA LYS A 294 14.46 -17.65 -11.25
C LYS A 294 13.74 -16.37 -11.64
N GLU A 295 14.28 -15.63 -12.63
CA GLU A 295 13.64 -14.39 -13.03
C GLU A 295 12.27 -14.63 -13.64
N ASP A 296 12.17 -15.66 -14.51
CA ASP A 296 10.87 -16.10 -15.04
C ASP A 296 9.90 -16.42 -13.92
N LEU A 297 10.35 -17.20 -12.94
CA LEU A 297 9.48 -17.57 -11.82
C LEU A 297 9.08 -16.35 -11.01
N ALA A 298 10.02 -15.41 -10.82
CA ALA A 298 9.66 -14.17 -10.12
C ALA A 298 8.57 -13.44 -10.89
N ARG A 299 8.72 -13.34 -12.21
CA ARG A 299 7.71 -12.64 -12.99
C ARG A 299 6.38 -13.40 -13.00
N ALA A 300 6.43 -14.73 -13.17
CA ALA A 300 5.20 -15.51 -13.14
C ALA A 300 4.48 -15.35 -11.81
N THR A 301 5.22 -15.31 -10.70
CA THR A 301 4.57 -15.10 -9.41
C THR A 301 3.88 -13.73 -9.36
N LEU A 302 4.59 -12.69 -9.77
CA LEU A 302 4.01 -11.34 -9.73
C LEU A 302 2.80 -11.26 -10.63
N VAL A 303 2.94 -11.72 -11.87
CA VAL A 303 1.83 -11.66 -12.82
C VAL A 303 0.63 -12.44 -12.32
N THR A 304 0.88 -13.62 -11.74
CA THR A 304 -0.22 -14.44 -11.24
C THR A 304 -0.93 -13.78 -10.07
N ILE A 305 -0.16 -13.26 -9.10
CA ILE A 305 -0.82 -12.60 -7.98
C ILE A 305 -1.57 -11.36 -8.47
N THR A 306 -0.93 -10.56 -9.34
CA THR A 306 -1.53 -9.28 -9.75
C THR A 306 -2.81 -9.50 -10.54
N ASN A 307 -2.77 -10.38 -11.54
CA ASN A 307 -3.96 -10.61 -12.37
C ASN A 307 -5.12 -11.17 -11.55
N ASN A 308 -4.84 -12.07 -10.60
CA ASN A 308 -5.94 -12.60 -9.79
C ASN A 308 -6.56 -11.50 -8.94
N ILE A 309 -5.74 -10.59 -8.41
CA ILE A 309 -6.31 -9.44 -7.69
C ILE A 309 -7.16 -8.59 -8.64
N GLY A 310 -6.66 -8.37 -9.86
CA GLY A 310 -7.41 -7.54 -10.79
C GLY A 310 -8.71 -8.16 -11.22
N SER A 311 -8.73 -9.49 -11.33
CA SER A 311 -9.97 -10.18 -11.68
C SER A 311 -10.98 -10.13 -10.53
N VAL A 312 -10.53 -10.40 -9.30
CA VAL A 312 -11.42 -10.25 -8.14
C VAL A 312 -11.96 -8.81 -8.07
N ALA A 313 -11.07 -7.82 -8.21
CA ALA A 313 -11.49 -6.42 -8.15
C ALA A 313 -12.52 -6.13 -9.23
N ARG A 314 -12.28 -6.60 -10.46
CA ARG A 314 -13.24 -6.40 -11.52
C ARG A 314 -14.59 -7.00 -11.16
N MET A 315 -14.60 -8.18 -10.54
CA MET A 315 -15.86 -8.83 -10.22
C MET A 315 -16.60 -8.08 -9.12
N CYS A 316 -15.88 -7.53 -8.14
CA CYS A 316 -16.55 -6.73 -7.11
C CYS A 316 -17.10 -5.45 -7.69
N ALA A 317 -16.32 -4.78 -8.54
CA ALA A 317 -16.76 -3.51 -9.11
C ALA A 317 -18.08 -3.70 -9.88
N VAL A 318 -18.12 -4.66 -10.81
CA VAL A 318 -19.35 -4.98 -11.53
C VAL A 318 -20.47 -5.30 -10.56
N ASN A 319 -20.16 -6.06 -9.50
CA ASN A 319 -21.20 -6.43 -8.54
C ASN A 319 -21.67 -5.22 -7.74
N GLU A 320 -20.75 -4.35 -7.33
CA GLU A 320 -21.15 -3.19 -6.54
C GLU A 320 -21.63 -2.04 -7.41
N LYS A 321 -21.58 -2.19 -8.74
CA LYS A 321 -21.92 -1.13 -9.69
C LYS A 321 -21.09 0.13 -9.47
N ILE A 322 -19.78 -0.05 -9.37
CA ILE A 322 -18.82 1.02 -9.08
C ILE A 322 -17.72 0.95 -10.13
N ASN A 323 -17.49 2.05 -10.84
CA ASN A 323 -16.54 2.02 -11.96
C ASN A 323 -15.17 2.59 -11.63
N ARG A 324 -14.98 3.14 -10.44
CA ARG A 324 -13.68 3.64 -9.99
C ARG A 324 -13.12 2.71 -8.92
N VAL A 325 -11.98 2.08 -9.22
CA VAL A 325 -11.34 1.14 -8.32
C VAL A 325 -9.97 1.67 -7.97
N VAL A 326 -9.78 1.99 -6.68
CA VAL A 326 -8.55 2.56 -6.16
C VAL A 326 -7.72 1.45 -5.52
N PHE A 327 -6.47 1.31 -5.93
CA PHE A 327 -5.56 0.33 -5.37
C PHE A 327 -4.58 1.00 -4.41
N VAL A 328 -4.57 0.57 -3.15
CA VAL A 328 -3.65 1.09 -2.15
C VAL A 328 -2.91 -0.08 -1.52
N GLY A 329 -2.16 0.20 -0.46
CA GLY A 329 -1.32 -0.80 0.15
C GLY A 329 0.06 -0.78 -0.46
N ASN A 330 0.98 -1.49 0.19
CA ASN A 330 2.39 -1.41 -0.13
C ASN A 330 2.86 -2.42 -1.17
N PHE A 331 2.04 -3.41 -1.52
CA PHE A 331 2.40 -4.31 -2.61
C PHE A 331 2.75 -3.55 -3.89
N LEU A 332 2.18 -2.36 -4.08
CA LEU A 332 2.44 -1.57 -5.27
C LEU A 332 3.55 -0.52 -5.13
N ARG A 333 4.20 -0.40 -3.97
CA ARG A 333 5.26 0.58 -3.89
C ARG A 333 6.43 0.14 -4.72
N VAL A 334 6.91 1.06 -5.53
CA VAL A 334 8.02 0.88 -6.45
C VAL A 334 7.72 -0.29 -7.33
N ASN A 335 6.45 -0.48 -7.61
CA ASN A 335 6.00 -1.60 -8.42
C ASN A 335 5.14 -1.15 -9.55
N THR A 336 5.78 -0.65 -10.61
CA THR A 336 5.01 -0.17 -11.76
C THR A 336 4.50 -1.31 -12.62
N LEU A 337 5.22 -2.44 -12.65
CA LEU A 337 4.75 -3.57 -13.44
C LEU A 337 3.35 -4.01 -12.98
N SER A 338 3.16 -4.16 -11.67
CA SER A 338 1.84 -4.55 -11.20
C SER A 338 0.82 -3.45 -11.47
N MET A 339 1.22 -2.19 -11.32
CA MET A 339 0.27 -1.10 -11.57
C MET A 339 -0.24 -1.16 -13.00
N LYS A 340 0.68 -1.36 -13.96
CA LYS A 340 0.29 -1.43 -15.37
C LYS A 340 -0.55 -2.67 -15.65
N LEU A 341 -0.15 -3.81 -15.09
CA LEU A 341 -0.97 -5.02 -15.21
C LEU A 341 -2.39 -4.77 -14.72
N LEU A 342 -2.52 -4.13 -13.55
CA LEU A 342 -3.85 -3.82 -13.04
C LEU A 342 -4.57 -2.82 -13.93
N ALA A 343 -3.85 -1.79 -14.38
CA ALA A 343 -4.44 -0.83 -15.30
C ALA A 343 -4.96 -1.53 -16.55
N TYR A 344 -4.07 -2.26 -17.23
CA TYR A 344 -4.45 -2.92 -18.47
C TYR A 344 -5.61 -3.89 -18.26
N ALA A 345 -5.59 -4.64 -17.17
CA ALA A 345 -6.59 -5.69 -16.97
C ALA A 345 -7.98 -5.10 -16.76
N LEU A 346 -8.12 -4.09 -15.90
CA LEU A 346 -9.44 -3.49 -15.71
C LEU A 346 -9.94 -2.84 -17.00
N ASP A 347 -9.04 -2.14 -17.70
CA ASP A 347 -9.40 -1.51 -18.97
C ASP A 347 -9.86 -2.54 -19.99
N TYR A 348 -9.08 -3.60 -20.20
CA TYR A 348 -9.39 -4.59 -21.24
C TYR A 348 -10.70 -5.33 -20.93
N TRP A 349 -10.77 -6.03 -19.80
CA TRP A 349 -11.92 -6.90 -19.56
C TRP A 349 -13.22 -6.12 -19.43
N SER A 350 -13.17 -4.83 -19.08
CA SER A 350 -14.38 -4.05 -18.88
C SER A 350 -14.75 -3.19 -20.08
N LYS A 351 -13.97 -3.28 -21.17
CA LYS A 351 -14.20 -2.51 -22.38
C LYS A 351 -14.10 -1.01 -22.14
N GLY A 352 -13.33 -0.62 -21.11
CA GLY A 352 -13.07 0.77 -20.82
C GLY A 352 -13.91 1.37 -19.71
N GLN A 353 -14.97 0.70 -19.28
CA GLN A 353 -15.87 1.25 -18.28
C GLN A 353 -15.31 1.22 -16.86
N LEU A 354 -14.21 0.54 -16.63
CA LEU A 354 -13.60 0.46 -15.31
C LEU A 354 -12.24 1.16 -15.34
N LYS A 355 -12.00 2.02 -14.35
CA LYS A 355 -10.75 2.75 -14.24
C LYS A 355 -9.99 2.27 -13.01
N ALA A 356 -8.77 1.79 -13.23
CA ALA A 356 -7.82 1.55 -12.15
C ALA A 356 -7.20 2.87 -11.69
N LEU A 357 -7.32 3.17 -10.39
CA LEU A 357 -6.81 4.41 -9.80
C LEU A 357 -5.73 4.10 -8.78
N PHE A 358 -4.72 4.96 -8.73
CA PHE A 358 -3.60 4.80 -7.82
C PHE A 358 -3.34 6.12 -7.09
N LEU A 359 -2.52 6.03 -6.04
CA LEU A 359 -2.38 7.04 -5.01
C LEU A 359 -0.93 7.11 -4.57
N GLU A 360 -0.37 8.33 -4.54
CA GLU A 360 1.05 8.51 -4.21
C GLU A 360 1.38 8.01 -2.82
N HIS A 361 0.44 8.14 -1.90
CA HIS A 361 0.66 7.79 -0.49
C HIS A 361 0.09 6.40 -0.18
N GLU A 362 0.43 5.42 -1.00
CA GLU A 362 -0.34 4.19 -1.09
C GLU A 362 -0.39 3.44 0.25
N GLY A 363 0.75 3.27 0.89
CA GLY A 363 0.81 2.46 2.10
C GLY A 363 0.44 3.15 3.40
N TYR A 364 0.19 4.45 3.40
CA TYR A 364 0.15 5.22 4.64
C TYR A 364 -1.24 5.70 5.08
N PHE A 365 -2.30 5.35 4.36
CA PHE A 365 -3.58 5.99 4.64
C PHE A 365 -4.13 5.60 6.01
N GLY A 366 -3.90 4.36 6.44
CA GLY A 366 -4.31 3.95 7.77
C GLY A 366 -3.62 4.76 8.85
N ALA A 367 -2.31 4.95 8.70
CA ALA A 367 -1.54 5.73 9.65
C ALA A 367 -2.04 7.17 9.72
N VAL A 368 -2.41 7.75 8.57
CA VAL A 368 -2.92 9.11 8.56
C VAL A 368 -4.30 9.17 9.21
N GLY A 369 -5.18 8.24 8.84
CA GLY A 369 -6.50 8.18 9.46
C GLY A 369 -6.45 8.03 10.96
N ALA A 370 -5.51 7.20 11.45
CA ALA A 370 -5.28 7.08 12.89
C ALA A 370 -4.88 8.41 13.50
N LEU A 371 -3.91 9.09 12.87
CA LEU A 371 -3.50 10.39 13.37
C LEU A 371 -4.68 11.35 13.45
N LEU A 372 -5.62 11.24 12.51
CA LEU A 372 -6.76 12.15 12.51
C LEU A 372 -7.76 11.86 13.62
N GLY A 373 -7.71 10.66 14.23
CA GLY A 373 -8.52 10.37 15.39
C GLY A 373 -8.03 10.99 16.67
N LEU A 374 -6.95 11.78 16.61
CA LEU A 374 -6.36 12.35 17.81
C LEU A 374 -7.29 13.27 18.61
N PRO A 375 -8.12 14.13 18.00
CA PRO A 375 -9.02 14.96 18.82
C PRO A 375 -10.03 14.16 19.63
N ASN A 376 -10.32 12.92 19.23
CA ASN A 376 -11.28 12.08 19.94
C ASN A 376 -10.76 11.56 21.27
N PHE A 377 -9.58 11.96 21.74
CA PHE A 377 -9.03 11.44 22.99
C PHE A 377 -8.39 12.56 23.80
#